data_8Q4T
#
_entry.id   8Q4T
#
_cell.length_a   40.130
_cell.length_b   104.080
_cell.length_c   41.990
_cell.angle_alpha   90.000
_cell.angle_beta   104.940
_cell.angle_gamma   90.000
#
_symmetry.space_group_name_H-M   'P 1 21 1'
#
loop_
_entity.id
_entity.type
_entity.pdbx_description
1 polymer 'YTH domain-containing protein 1'
2 non-polymer ~{N}-[4-chloranyl-2-[[2-chloranyl-6-(methylamino)purin-9-yl]methyl]phenyl]methanesulfonamide
3 non-polymer 'SULFATE ION'
4 water water
#
_entity_poly.entity_id   1
_entity_poly.type   'polypeptide(L)'
_entity_poly.pdbx_seq_one_letter_code
;GTSKLKYVLQDARFFLIKSNNHENVSLAKAKGVWSTLPVNEKKLNLAFRSARSVILIFSVRESGKFQGFARLSSESHHGG
SPIHWVLPAGMSAKMLGGVFKIDWICRRELPFTKSAHLTNPWNEHKPVKIGRDGQEIELECGTQLCLLFPPDESIDLYQV
IHKMRH
;
_entity_poly.pdbx_strand_id   A,B
#
loop_
_chem_comp.id
_chem_comp.type
_chem_comp.name
_chem_comp.formula
JBD non-polymer ~{N}-[4-chloranyl-2-[[2-chloranyl-6-(methylamino)purin-9-yl]methyl]phenyl]methanesulfonamide 'C14 H14 Cl2 N6 O2 S'
SO4 non-polymer 'SULFATE ION' 'O4 S -2'
#
# COMPACT_ATOMS: atom_id res chain seq x y z
N GLY A 1 4.39 -1.73 -5.22
CA GLY A 1 5.70 -1.76 -4.59
C GLY A 1 5.65 -2.04 -3.11
N THR A 2 6.78 -1.89 -2.44
CA THR A 2 6.87 -2.16 -1.00
C THR A 2 6.99 -0.89 -0.17
N SER A 3 6.84 0.29 -0.77
CA SER A 3 7.09 1.52 -0.03
C SER A 3 6.03 1.75 1.04
N LYS A 4 4.75 1.61 0.69
CA LYS A 4 3.72 1.83 1.70
C LYS A 4 3.79 0.75 2.78
N LEU A 5 4.13 -0.48 2.40
CA LEU A 5 4.29 -1.53 3.41
C LEU A 5 5.40 -1.14 4.40
N LYS A 6 6.55 -0.70 3.89
CA LYS A 6 7.62 -0.30 4.79
C LYS A 6 7.19 0.83 5.71
N TYR A 7 6.39 1.77 5.19
CA TYR A 7 5.88 2.86 6.03
C TYR A 7 5.00 2.32 7.16
N VAL A 8 4.14 1.36 6.87
CA VAL A 8 3.30 0.77 7.90
C VAL A 8 4.15 0.04 8.95
N LEU A 9 5.23 -0.60 8.51
CA LEU A 9 6.06 -1.38 9.43
C LEU A 9 7.06 -0.55 10.22
N GLN A 10 7.24 0.71 9.86
CA GLN A 10 8.10 1.61 10.62
C GLN A 10 7.70 1.60 12.09
N ASP A 11 8.67 1.28 12.95
CA ASP A 11 8.50 1.39 14.40
C ASP A 11 7.34 0.53 14.91
N ALA A 12 7.00 -0.52 14.17
CA ALA A 12 5.94 -1.40 14.59
C ALA A 12 6.43 -2.41 15.64
N ARG A 13 5.48 -3.03 16.33
CA ARG A 13 5.75 -4.21 17.13
C ARG A 13 5.13 -5.43 16.46
N PHE A 14 5.76 -6.59 16.68
CA PHE A 14 5.43 -7.81 15.98
C PHE A 14 5.19 -8.92 16.99
N PHE A 15 4.12 -9.69 16.78
CA PHE A 15 3.80 -10.84 17.62
C PHE A 15 3.44 -12.06 16.79
N LEU A 16 3.98 -13.20 17.18
CA LEU A 16 3.65 -14.47 16.56
C LEU A 16 2.32 -14.98 17.11
N ILE A 17 1.41 -15.34 16.20
CA ILE A 17 0.13 -15.92 16.58
C ILE A 17 0.09 -17.34 16.08
N LYS A 18 -0.18 -18.28 16.99
CA LYS A 18 -0.27 -19.69 16.64
C LYS A 18 -1.72 -20.11 16.75
N SER A 19 -2.23 -20.73 15.71
CA SER A 19 -3.58 -21.27 15.69
C SER A 19 -3.51 -22.79 15.60
N ASN A 20 -4.36 -23.47 16.37
CA ASN A 20 -4.38 -24.93 16.28
C ASN A 20 -5.05 -25.43 15.01
N ASN A 21 -5.86 -24.61 14.33
CA ASN A 21 -6.53 -25.08 13.12
C ASN A 21 -6.60 -23.97 12.08
N HIS A 22 -6.80 -24.40 10.82
CA HIS A 22 -6.94 -23.47 9.70
C HIS A 22 -8.27 -22.72 9.76
N GLU A 23 -9.32 -23.36 10.28
CA GLU A 23 -10.65 -22.77 10.24
C GLU A 23 -10.68 -21.40 10.92
N ASN A 24 -9.99 -21.27 12.06
CA ASN A 24 -10.03 -20.00 12.76
C ASN A 24 -9.26 -18.91 12.02
N VAL A 25 -8.16 -19.27 11.34
CA VAL A 25 -7.44 -18.28 10.54
C VAL A 25 -8.26 -17.87 9.33
N SER A 26 -8.97 -18.81 8.70
CA SER A 26 -9.87 -18.45 7.61
CA SER A 26 -9.87 -18.45 7.61
C SER A 26 -10.97 -17.53 8.11
N LEU A 27 -11.54 -17.81 9.29
CA LEU A 27 -12.56 -16.94 9.86
C LEU A 27 -11.99 -15.55 10.14
N ALA A 28 -10.76 -15.48 10.66
CA ALA A 28 -10.13 -14.18 10.91
C ALA A 28 -9.92 -13.39 9.62
N LYS A 29 -9.56 -14.07 8.52
CA LYS A 29 -9.36 -13.40 7.24
C LYS A 29 -10.68 -12.91 6.65
N ALA A 30 -11.78 -13.65 6.89
CA ALA A 30 -13.07 -13.25 6.35
C ALA A 30 -13.68 -12.10 7.13
N LYS A 31 -13.57 -12.13 8.46
CA LYS A 31 -14.29 -11.22 9.34
C LYS A 31 -13.40 -10.12 9.91
N GLY A 32 -12.08 -10.24 9.80
CA GLY A 32 -11.22 -9.19 10.31
C GLY A 32 -11.19 -9.10 11.82
N VAL A 33 -11.11 -10.25 12.50
CA VAL A 33 -11.10 -10.35 13.95
C VAL A 33 -10.12 -11.42 14.38
N TRP A 34 -9.63 -11.29 15.62
CA TRP A 34 -8.85 -12.35 16.24
C TRP A 34 -9.13 -12.37 17.73
N SER A 35 -9.08 -13.57 18.32
CA SER A 35 -9.12 -13.78 19.76
C SER A 35 -8.00 -14.72 20.17
N THR A 36 -7.46 -14.48 21.37
CA THR A 36 -6.35 -15.24 21.92
C THR A 36 -6.57 -15.41 23.42
N LEU A 37 -5.70 -16.20 24.03
CA LEU A 37 -5.85 -16.53 25.44
C LEU A 37 -5.60 -15.29 26.30
N PRO A 38 -6.18 -15.25 27.51
CA PRO A 38 -6.12 -14.03 28.33
C PRO A 38 -4.72 -13.47 28.55
N VAL A 39 -3.71 -14.33 28.71
CA VAL A 39 -2.35 -13.82 28.94
C VAL A 39 -1.86 -13.02 27.75
N ASN A 40 -2.10 -13.52 26.53
CA ASN A 40 -1.68 -12.80 25.33
C ASN A 40 -2.58 -11.60 25.06
N GLU A 41 -3.86 -11.70 25.41
CA GLU A 41 -4.75 -10.56 25.22
C GLU A 41 -4.26 -9.34 25.99
N LYS A 42 -3.77 -9.54 27.22
CA LYS A 42 -3.22 -8.43 27.98
C LYS A 42 -2.01 -7.82 27.29
N LYS A 43 -1.08 -8.67 26.81
CA LYS A 43 0.12 -8.13 26.16
C LYS A 43 -0.24 -7.32 24.91
N LEU A 44 -1.18 -7.81 24.12
CA LEU A 44 -1.54 -7.11 22.89
C LEU A 44 -2.25 -5.79 23.19
N ASN A 45 -3.09 -5.76 24.22
CA ASN A 45 -3.71 -4.48 24.59
C ASN A 45 -2.67 -3.46 25.03
N LEU A 46 -1.68 -3.89 25.83
CA LEU A 46 -0.59 -3.00 26.19
C LEU A 46 0.18 -2.52 24.96
N ALA A 47 0.51 -3.44 24.06
CA ALA A 47 1.25 -3.06 22.86
C ALA A 47 0.46 -2.10 21.97
N PHE A 48 -0.85 -2.32 21.84
CA PHE A 48 -1.66 -1.48 20.95
C PHE A 48 -1.58 -0.01 21.34
N ARG A 49 -1.52 0.27 22.63
CA ARG A 49 -1.42 1.64 23.10
C ARG A 49 -0.02 2.24 22.91
N SER A 50 1.00 1.41 22.70
CA SER A 50 2.39 1.86 22.76
C SER A 50 3.05 2.06 21.41
N ALA A 51 2.47 1.58 20.31
CA ALA A 51 3.19 1.57 19.05
C ALA A 51 2.29 2.06 17.94
N ARG A 52 2.91 2.67 16.91
CA ARG A 52 2.18 3.11 15.73
C ARG A 52 1.44 1.94 15.08
N SER A 53 2.04 0.76 15.07
CA SER A 53 1.42 -0.41 14.46
C SER A 53 1.77 -1.62 15.29
N VAL A 54 0.81 -2.51 15.46
CA VAL A 54 1.04 -3.82 16.06
C VAL A 54 0.68 -4.85 15.02
N ILE A 55 1.64 -5.70 14.66
CA ILE A 55 1.50 -6.66 13.58
C ILE A 55 1.43 -8.05 14.17
N LEU A 56 0.38 -8.78 13.81
CA LEU A 56 0.20 -10.18 14.14
C LEU A 56 0.62 -11.03 12.93
N ILE A 57 1.52 -11.98 13.16
CA ILE A 57 2.01 -12.84 12.11
C ILE A 57 1.51 -14.25 12.42
N PHE A 58 0.65 -14.77 11.55
CA PHE A 58 -0.10 -15.99 11.84
C PHE A 58 0.59 -17.24 11.35
N SER A 59 0.57 -18.30 12.17
CA SER A 59 1.03 -19.60 11.75
C SER A 59 0.15 -20.69 12.32
N VAL A 60 -0.40 -21.54 11.44
CA VAL A 60 -1.22 -22.66 11.85
C VAL A 60 -0.31 -23.80 12.30
N ARG A 61 -0.56 -24.31 13.50
CA ARG A 61 0.27 -25.37 14.07
C ARG A 61 0.34 -26.57 13.12
N GLU A 62 1.55 -27.08 12.94
CA GLU A 62 1.90 -28.24 12.13
C GLU A 62 1.75 -27.98 10.63
N SER A 63 1.52 -26.74 10.22
CA SER A 63 1.38 -26.42 8.80
C SER A 63 2.70 -26.15 8.11
N GLY A 64 3.79 -25.90 8.86
CA GLY A 64 5.05 -25.55 8.26
C GLY A 64 5.10 -24.19 7.58
N LYS A 65 4.11 -23.32 7.82
CA LYS A 65 4.04 -22.07 7.08
C LYS A 65 3.46 -20.97 7.96
N PHE A 66 3.72 -19.73 7.56
CA PHE A 66 2.91 -18.61 8.02
C PHE A 66 1.77 -18.39 7.04
N GLN A 67 0.62 -17.97 7.55
CA GLN A 67 -0.54 -17.79 6.67
C GLN A 67 -0.85 -16.34 6.35
N GLY A 68 -0.08 -15.39 6.86
CA GLY A 68 -0.21 -14.00 6.53
C GLY A 68 0.06 -13.14 7.74
N PHE A 69 -0.17 -11.83 7.60
CA PHE A 69 -0.05 -10.93 8.73
C PHE A 69 -1.04 -9.77 8.64
N ALA A 70 -1.35 -9.23 9.81
CA ALA A 70 -2.40 -8.23 9.95
C ALA A 70 -2.00 -7.22 11.00
N ARG A 71 -2.65 -6.08 10.98
CA ARG A 71 -2.41 -5.00 11.93
C ARG A 71 -3.60 -4.88 12.88
N LEU A 72 -3.34 -4.79 14.19
CA LEU A 72 -4.43 -4.50 15.13
C LEU A 72 -5.02 -3.13 14.82
N SER A 73 -6.35 -3.06 14.77
CA SER A 73 -7.00 -1.75 14.69
C SER A 73 -7.75 -1.38 15.96
N SER A 74 -7.80 -2.26 16.96
CA SER A 74 -8.48 -1.94 18.21
C SER A 74 -7.89 -2.77 19.34
N GLU A 75 -8.20 -2.36 20.57
CA GLU A 75 -7.98 -3.24 21.71
C GLU A 75 -9.07 -4.33 21.70
N SER A 76 -8.91 -5.31 22.59
CA SER A 76 -9.93 -6.35 22.69
C SER A 76 -11.21 -5.76 23.26
N HIS A 77 -12.34 -6.21 22.75
CA HIS A 77 -13.65 -5.78 23.25
C HIS A 77 -14.48 -7.02 23.53
N HIS A 78 -15.13 -7.04 24.68
CA HIS A 78 -15.91 -8.18 25.14
C HIS A 78 -17.39 -7.87 25.00
N GLY A 79 -18.21 -8.87 25.36
CA GLY A 79 -19.65 -8.75 25.35
C GLY A 79 -20.30 -8.79 23.99
N GLY A 80 -19.56 -8.57 22.91
CA GLY A 80 -20.14 -8.44 21.59
C GLY A 80 -20.61 -9.76 21.00
N SER A 81 -20.95 -9.69 19.71
CA SER A 81 -21.47 -10.86 19.00
C SER A 81 -20.48 -12.02 19.11
N PRO A 82 -20.96 -13.25 19.30
CA PRO A 82 -20.05 -14.38 19.53
C PRO A 82 -19.47 -14.98 18.26
N ILE A 83 -18.15 -14.94 18.12
CA ILE A 83 -17.50 -15.48 16.92
C ILE A 83 -17.46 -17.00 17.01
N HIS A 84 -17.84 -17.65 15.91
CA HIS A 84 -17.96 -19.10 15.88
C HIS A 84 -16.60 -19.77 15.63
N TRP A 85 -15.69 -19.51 16.56
CA TRP A 85 -14.40 -20.21 16.53
C TRP A 85 -14.61 -21.71 16.58
N VAL A 86 -13.67 -22.44 15.98
CA VAL A 86 -13.53 -23.87 16.26
C VAL A 86 -12.65 -24.01 17.49
N LEU A 87 -13.16 -24.68 18.49
CA LEU A 87 -12.42 -24.68 19.74
C LEU A 87 -11.56 -25.94 19.84
N PRO A 88 -10.29 -25.82 20.18
CA PRO A 88 -9.45 -27.00 20.41
C PRO A 88 -9.83 -27.67 21.72
N ALA A 89 -9.22 -28.83 21.97
CA ALA A 89 -9.32 -29.47 23.27
C ALA A 89 -8.81 -28.55 24.36
N GLY A 90 -9.55 -28.49 25.47
CA GLY A 90 -9.18 -27.63 26.57
C GLY A 90 -9.40 -26.15 26.35
N MET A 91 -9.90 -25.75 25.19
CA MET A 91 -10.20 -24.36 24.92
C MET A 91 -11.70 -24.14 25.12
N SER A 92 -12.04 -23.21 26.00
CA SER A 92 -13.42 -22.81 26.24
C SER A 92 -13.70 -21.49 25.55
N ALA A 93 -14.97 -21.28 25.19
CA ALA A 93 -15.36 -20.06 24.48
C ALA A 93 -15.20 -18.80 25.35
N LYS A 94 -15.02 -18.96 26.66
CA LYS A 94 -14.84 -17.79 27.52
C LYS A 94 -13.39 -17.32 27.55
N MET A 95 -12.44 -18.23 27.30
CA MET A 95 -11.04 -17.82 27.23
C MET A 95 -10.77 -16.94 26.02
N LEU A 96 -11.41 -17.26 24.89
CA LEU A 96 -11.33 -16.43 23.69
C LEU A 96 -12.36 -15.31 23.70
N GLY A 97 -12.72 -14.81 24.89
CA GLY A 97 -13.84 -13.87 24.97
C GLY A 97 -13.52 -12.52 24.36
N GLY A 98 -12.32 -12.01 24.61
CA GLY A 98 -11.95 -10.71 24.06
C GLY A 98 -11.68 -10.80 22.56
N VAL A 99 -12.19 -9.83 21.80
CA VAL A 99 -12.12 -9.85 20.34
C VAL A 99 -11.41 -8.59 19.86
N PHE A 100 -10.34 -8.78 19.10
CA PHE A 100 -9.60 -7.69 18.47
C PHE A 100 -10.07 -7.55 17.04
N LYS A 101 -10.25 -6.30 16.60
CA LYS A 101 -10.38 -6.03 15.18
C LYS A 101 -9.00 -5.92 14.55
N ILE A 102 -8.85 -6.49 13.35
CA ILE A 102 -7.58 -6.48 12.64
C ILE A 102 -7.82 -6.15 11.17
N ASP A 103 -6.82 -5.50 10.56
CA ASP A 103 -6.75 -5.20 9.13
C ASP A 103 -5.65 -6.04 8.52
N TRP A 104 -6.01 -6.90 7.58
CA TRP A 104 -5.00 -7.74 6.96
C TRP A 104 -4.10 -6.91 6.06
N ILE A 105 -2.81 -7.17 6.14
CA ILE A 105 -1.82 -6.53 5.27
C ILE A 105 -1.38 -7.51 4.19
N CYS A 106 -1.39 -8.81 4.51
CA CYS A 106 -0.98 -9.85 3.57
C CYS A 106 -1.73 -11.12 3.93
N ARG A 107 -2.49 -11.68 3.00
CA ARG A 107 -3.20 -12.93 3.24
C ARG A 107 -2.52 -14.12 2.58
N ARG A 108 -1.32 -13.92 2.01
CA ARG A 108 -0.53 -14.95 1.36
C ARG A 108 0.29 -15.75 2.36
N GLU A 109 0.64 -16.98 1.98
CA GLU A 109 1.44 -17.88 2.80
C GLU A 109 2.93 -17.61 2.60
N LEU A 110 3.73 -18.00 3.62
CA LEU A 110 5.19 -18.08 3.52
C LEU A 110 5.66 -19.36 4.19
N PRO A 111 6.33 -20.27 3.47
CA PRO A 111 6.85 -21.47 4.12
C PRO A 111 7.99 -21.15 5.08
N PHE A 112 8.08 -21.96 6.13
CA PHE A 112 9.14 -21.79 7.14
C PHE A 112 10.53 -21.89 6.51
N THR A 113 10.65 -22.67 5.45
CA THR A 113 11.96 -22.83 4.83
C THR A 113 12.50 -21.50 4.31
N LYS A 114 11.63 -20.56 4.00
CA LYS A 114 12.05 -19.27 3.45
C LYS A 114 12.50 -18.29 4.53
N SER A 115 12.22 -18.58 5.80
CA SER A 115 12.61 -17.68 6.90
C SER A 115 13.72 -18.27 7.75
N ALA A 116 14.42 -19.31 7.26
CA ALA A 116 15.40 -19.99 8.10
C ALA A 116 16.60 -19.12 8.45
N HIS A 117 16.82 -18.02 7.74
CA HIS A 117 17.93 -17.10 7.98
C HIS A 117 17.58 -16.01 8.99
N LEU A 118 16.36 -16.00 9.53
CA LEU A 118 15.93 -14.98 10.48
C LEU A 118 15.79 -15.57 11.87
N THR A 119 16.48 -14.96 12.83
CA THR A 119 16.44 -15.36 14.24
C THR A 119 15.85 -14.22 15.07
N ASN A 120 15.20 -14.60 16.16
CA ASN A 120 14.48 -13.66 17.01
C ASN A 120 15.26 -13.41 18.30
N PRO A 121 15.85 -12.22 18.47
CA PRO A 121 16.53 -11.91 19.75
C PRO A 121 15.67 -12.13 20.99
N TRP A 122 14.36 -11.92 20.92
CA TRP A 122 13.53 -12.08 22.10
C TRP A 122 13.14 -13.52 22.37
N ASN A 123 13.60 -14.48 21.58
CA ASN A 123 13.46 -15.90 21.87
C ASN A 123 14.80 -16.60 21.65
N GLU A 124 15.83 -16.07 22.34
CA GLU A 124 17.17 -16.70 22.38
C GLU A 124 17.78 -16.90 20.99
N HIS A 125 17.42 -16.04 20.03
CA HIS A 125 17.87 -16.16 18.64
C HIS A 125 17.57 -17.52 18.02
N LYS A 126 16.48 -18.15 18.43
CA LYS A 126 15.94 -19.28 17.71
C LYS A 126 15.33 -18.80 16.41
N PRO A 127 15.26 -19.67 15.38
CA PRO A 127 14.59 -19.29 14.14
C PRO A 127 13.23 -18.69 14.44
N VAL A 128 12.82 -17.71 13.63
CA VAL A 128 11.65 -16.93 13.95
C VAL A 128 10.37 -17.77 13.87
N LYS A 129 10.39 -18.89 13.14
CA LYS A 129 9.25 -19.80 13.15
C LYS A 129 9.00 -20.43 14.52
N ILE A 130 10.00 -20.36 15.42
CA ILE A 130 9.91 -20.99 16.74
C ILE A 130 9.38 -19.99 17.74
N GLY A 131 8.38 -20.40 18.49
CA GLY A 131 7.79 -19.53 19.47
C GLY A 131 6.41 -19.99 19.85
N ARG A 132 6.01 -19.71 21.09
CA ARG A 132 4.64 -19.95 21.51
C ARG A 132 3.74 -18.81 21.03
N ASP A 133 2.45 -19.09 21.02
CA ASP A 133 1.46 -18.06 20.76
C ASP A 133 1.74 -16.82 21.60
N GLY A 134 1.80 -15.65 20.94
CA GLY A 134 2.08 -14.40 21.60
C GLY A 134 3.53 -14.00 21.72
N GLN A 135 4.47 -14.83 21.26
CA GLN A 135 5.87 -14.46 21.32
C GLN A 135 6.14 -13.17 20.56
N GLU A 136 6.76 -12.19 21.23
CA GLU A 136 7.14 -10.96 20.56
C GLU A 136 8.34 -11.21 19.65
N ILE A 137 8.31 -10.60 18.46
CA ILE A 137 9.41 -10.64 17.51
C ILE A 137 10.05 -9.26 17.46
N GLU A 138 11.36 -9.20 17.68
CA GLU A 138 12.09 -7.93 17.64
C GLU A 138 11.94 -7.24 16.27
N LEU A 139 12.04 -5.90 16.29
CA LEU A 139 11.68 -5.05 15.15
C LEU A 139 12.36 -5.46 13.84
N GLU A 140 13.70 -5.56 13.84
CA GLU A 140 14.40 -5.82 12.59
C GLU A 140 14.06 -7.21 12.04
N CYS A 141 13.99 -8.21 12.92
CA CYS A 141 13.59 -9.54 12.49
C CYS A 141 12.16 -9.55 11.97
N GLY A 142 11.25 -8.91 12.70
CA GLY A 142 9.87 -8.88 12.25
C GLY A 142 9.70 -8.16 10.93
N THR A 143 10.38 -7.03 10.76
CA THR A 143 10.33 -6.31 9.49
C THR A 143 10.80 -7.18 8.35
N GLN A 144 11.95 -7.85 8.52
CA GLN A 144 12.47 -8.66 7.43
C GLN A 144 11.56 -9.85 7.14
N LEU A 145 10.96 -10.44 8.19
CA LEU A 145 10.01 -11.52 7.98
C LEU A 145 8.83 -11.05 7.13
N CYS A 146 8.22 -9.94 7.52
CA CYS A 146 7.08 -9.45 6.74
C CYS A 146 7.47 -9.12 5.29
N LEU A 147 8.69 -8.62 5.08
CA LEU A 147 9.11 -8.35 3.70
C LEU A 147 9.35 -9.59 2.86
N LEU A 148 9.43 -10.78 3.46
CA LEU A 148 9.60 -12.01 2.71
C LEU A 148 8.31 -12.54 2.11
N PHE A 149 7.17 -12.09 2.61
CA PHE A 149 5.90 -12.61 2.12
C PHE A 149 5.71 -12.17 0.67
N PRO A 150 5.07 -13.01 -0.13
CA PRO A 150 4.66 -12.57 -1.47
C PRO A 150 3.80 -11.33 -1.37
N PRO A 151 3.93 -10.39 -2.29
CA PRO A 151 3.06 -9.21 -2.27
C PRO A 151 1.61 -9.62 -2.43
N ASP A 152 0.72 -8.94 -1.70
CA ASP A 152 -0.72 -9.20 -1.79
C ASP A 152 -1.36 -8.00 -2.48
N GLU A 153 -1.45 -8.07 -3.82
CA GLU A 153 -1.92 -6.94 -4.60
C GLU A 153 -3.41 -6.69 -4.47
N SER A 154 -4.16 -7.53 -3.75
CA SER A 154 -5.58 -7.26 -3.50
C SER A 154 -5.82 -6.28 -2.34
N ILE A 155 -4.77 -5.82 -1.66
CA ILE A 155 -4.92 -4.96 -0.49
C ILE A 155 -4.33 -3.59 -0.81
N ASP A 156 -5.12 -2.54 -0.57
CA ASP A 156 -4.67 -1.15 -0.68
C ASP A 156 -4.27 -0.70 0.71
N LEU A 157 -2.99 -0.42 0.91
CA LEU A 157 -2.54 0.02 2.21
C LEU A 157 -2.89 1.48 2.50
N TYR A 158 -3.50 2.19 1.55
CA TYR A 158 -3.83 3.59 1.77
C TYR A 158 -4.78 3.77 2.95
N GLN A 159 -5.83 2.95 3.04
CA GLN A 159 -6.74 3.04 4.19
C GLN A 159 -6.05 2.64 5.49
N VAL A 160 -5.16 1.64 5.43
CA VAL A 160 -4.39 1.24 6.61
C VAL A 160 -3.59 2.42 7.15
N ILE A 161 -2.91 3.15 6.26
CA ILE A 161 -2.04 4.24 6.67
C ILE A 161 -2.83 5.32 7.40
N HIS A 162 -4.10 5.54 7.00
CA HIS A 162 -4.91 6.60 7.61
C HIS A 162 -5.30 6.26 9.04
N LYS A 163 -5.52 4.98 9.35
CA LYS A 163 -5.83 4.58 10.73
C LYS A 163 -4.75 5.06 11.70
N MET A 164 -3.49 5.02 11.27
CA MET A 164 -2.40 5.56 12.07
C MET A 164 -2.57 7.06 12.28
N GLY B 1 -4.16 33.12 -7.39
CA GLY B 1 -4.78 32.43 -8.52
C GLY B 1 -4.72 30.91 -8.44
N THR B 2 -4.82 30.37 -7.23
CA THR B 2 -4.71 28.93 -7.02
C THR B 2 -6.01 28.29 -6.51
N SER B 3 -7.11 29.06 -6.42
CA SER B 3 -8.34 28.49 -5.87
C SER B 3 -8.80 27.27 -6.68
N LYS B 4 -8.79 27.37 -8.01
CA LYS B 4 -9.25 26.24 -8.81
C LYS B 4 -8.32 25.04 -8.67
N LEU B 5 -7.02 25.26 -8.75
CA LEU B 5 -6.09 24.14 -8.59
C LEU B 5 -6.17 23.54 -7.19
N LYS B 6 -6.31 24.38 -6.15
CA LYS B 6 -6.44 23.83 -4.81
C LYS B 6 -7.69 22.97 -4.69
N TYR B 7 -8.77 23.37 -5.35
CA TYR B 7 -9.99 22.57 -5.36
C TYR B 7 -9.78 21.20 -6.02
N VAL B 8 -9.10 21.18 -7.18
CA VAL B 8 -8.84 19.91 -7.88
C VAL B 8 -8.02 18.96 -7.00
N LEU B 9 -7.13 19.50 -6.19
CA LEU B 9 -6.17 18.70 -5.42
C LEU B 9 -6.67 18.34 -4.03
N GLN B 10 -7.82 18.84 -3.61
CA GLN B 10 -8.30 18.50 -2.28
C GLN B 10 -8.64 17.01 -2.23
N ASP B 11 -8.13 16.34 -1.20
CA ASP B 11 -8.38 14.92 -0.98
C ASP B 11 -7.85 14.03 -2.12
N ALA B 12 -6.85 14.50 -2.85
CA ALA B 12 -6.35 13.72 -3.97
C ALA B 12 -5.35 12.66 -3.51
N ARG B 13 -5.15 11.66 -4.37
CA ARG B 13 -4.01 10.76 -4.26
C ARG B 13 -3.05 11.06 -5.41
N PHE B 14 -1.76 10.89 -5.15
CA PHE B 14 -0.71 11.30 -6.07
C PHE B 14 0.20 10.12 -6.36
N PHE B 15 0.52 9.92 -7.64
CA PHE B 15 1.45 8.87 -8.07
C PHE B 15 2.48 9.41 -9.04
N LEU B 16 3.74 9.00 -8.81
CA LEU B 16 4.84 9.29 -9.70
C LEU B 16 4.76 8.35 -10.89
N ILE B 17 4.87 8.90 -12.11
CA ILE B 17 4.90 8.13 -13.34
C ILE B 17 6.28 8.32 -13.96
N LYS B 18 6.96 7.22 -14.22
CA LYS B 18 8.28 7.25 -14.86
C LYS B 18 8.16 6.66 -16.26
N SER B 19 8.61 7.40 -17.27
CA SER B 19 8.60 6.94 -18.64
C SER B 19 10.03 6.74 -19.14
N ASN B 20 10.24 5.66 -19.90
CA ASN B 20 11.56 5.41 -20.45
C ASN B 20 11.91 6.39 -21.56
N ASN B 21 10.92 6.95 -22.25
CA ASN B 21 11.21 7.82 -23.38
C ASN B 21 10.29 9.04 -23.37
N HIS B 22 10.79 10.10 -24.01
CA HIS B 22 10.00 11.31 -24.21
C HIS B 22 8.81 11.09 -25.14
N GLU B 23 8.94 10.19 -26.12
CA GLU B 23 7.91 10.06 -27.16
C GLU B 23 6.55 9.74 -26.56
N ASN B 24 6.49 8.81 -25.61
CA ASN B 24 5.21 8.43 -25.06
C ASN B 24 4.60 9.55 -24.21
N VAL B 25 5.44 10.37 -23.55
CA VAL B 25 4.90 11.52 -22.83
C VAL B 25 4.33 12.53 -23.82
N SER B 26 5.03 12.77 -24.93
CA SER B 26 4.52 13.67 -25.96
C SER B 26 3.19 13.17 -26.52
N LEU B 27 3.12 11.88 -26.83
CA LEU B 27 1.88 11.27 -27.29
C LEU B 27 0.77 11.50 -26.28
N ALA B 28 1.06 11.23 -25.00
CA ALA B 28 0.07 11.30 -23.93
C ALA B 28 -0.41 12.73 -23.69
N LYS B 29 0.50 13.70 -23.81
CA LYS B 29 0.14 15.10 -23.64
C LYS B 29 -0.87 15.53 -24.70
N ALA B 30 -0.74 15.02 -25.92
CA ALA B 30 -1.61 15.52 -26.99
C ALA B 30 -2.93 14.78 -27.00
N LYS B 31 -2.91 13.49 -26.68
CA LYS B 31 -4.08 12.63 -26.83
C LYS B 31 -4.86 12.43 -25.53
N GLY B 32 -4.25 12.70 -24.38
CA GLY B 32 -4.95 12.56 -23.10
C GLY B 32 -5.18 11.13 -22.66
N VAL B 33 -4.17 10.28 -22.80
CA VAL B 33 -4.23 8.87 -22.45
C VAL B 33 -2.91 8.49 -21.78
N TRP B 34 -2.97 7.45 -20.95
CA TRP B 34 -1.76 6.82 -20.41
C TRP B 34 -1.99 5.34 -20.21
N SER B 35 -0.89 4.59 -20.30
CA SER B 35 -0.85 3.16 -19.98
C SER B 35 0.38 2.87 -19.15
N THR B 36 0.24 1.89 -18.25
CA THR B 36 1.32 1.50 -17.36
C THR B 36 1.33 -0.02 -17.21
N LEU B 37 2.32 -0.52 -16.45
CA LEU B 37 2.45 -1.96 -16.23
C LEU B 37 1.31 -2.48 -15.34
N PRO B 38 1.04 -3.79 -15.38
CA PRO B 38 -0.17 -4.30 -14.69
C PRO B 38 -0.17 -4.10 -13.17
N VAL B 39 0.97 -4.11 -12.51
CA VAL B 39 0.99 -3.87 -11.07
C VAL B 39 0.46 -2.47 -10.76
N ASN B 40 1.01 -1.46 -11.43
CA ASN B 40 0.55 -0.09 -11.22
C ASN B 40 -0.84 0.14 -11.79
N GLU B 41 -1.18 -0.52 -12.90
CA GLU B 41 -2.52 -0.39 -13.45
C GLU B 41 -3.58 -0.76 -12.42
N LYS B 42 -3.32 -1.81 -11.63
CA LYS B 42 -4.27 -2.21 -10.61
C LYS B 42 -4.32 -1.21 -9.47
N LYS B 43 -3.14 -0.75 -9.00
CA LYS B 43 -3.11 0.27 -7.95
C LYS B 43 -3.84 1.53 -8.37
N LEU B 44 -3.66 1.96 -9.61
CA LEU B 44 -4.34 3.17 -10.07
C LEU B 44 -5.85 2.94 -10.19
N ASN B 45 -6.25 1.73 -10.60
CA ASN B 45 -7.68 1.44 -10.68
C ASN B 45 -8.33 1.44 -9.30
N LEU B 46 -7.63 0.92 -8.29
CA LEU B 46 -8.13 1.00 -6.92
C LEU B 46 -8.24 2.45 -6.48
N ALA B 47 -7.19 3.24 -6.71
CA ALA B 47 -7.19 4.63 -6.27
C ALA B 47 -8.30 5.43 -6.95
N PHE B 48 -8.53 5.20 -8.25
CA PHE B 48 -9.55 5.96 -8.94
C PHE B 48 -10.93 5.74 -8.32
N ARG B 49 -11.21 4.52 -7.87
CA ARG B 49 -12.49 4.23 -7.27
C ARG B 49 -12.62 4.80 -5.87
N SER B 50 -11.51 5.04 -5.18
CA SER B 50 -11.54 5.43 -3.78
C SER B 50 -11.37 6.92 -3.53
N ALA B 51 -10.75 7.66 -4.45
CA ALA B 51 -10.32 9.03 -4.19
C ALA B 51 -11.08 10.02 -5.07
N ARG B 52 -11.21 11.25 -4.58
CA ARG B 52 -11.90 12.29 -5.36
C ARG B 52 -11.12 12.68 -6.61
N SER B 53 -9.79 12.66 -6.53
CA SER B 53 -8.93 12.83 -7.70
C SER B 53 -7.74 11.92 -7.56
N VAL B 54 -7.26 11.40 -8.69
CA VAL B 54 -5.99 10.68 -8.75
C VAL B 54 -5.10 11.43 -9.73
N ILE B 55 -3.96 11.89 -9.22
CA ILE B 55 -3.05 12.77 -9.96
C ILE B 55 -1.81 11.97 -10.32
N LEU B 56 -1.42 11.98 -11.60
CA LEU B 56 -0.20 11.38 -12.09
C LEU B 56 0.81 12.50 -12.34
N ILE B 57 2.00 12.38 -11.78
CA ILE B 57 3.04 13.38 -11.95
C ILE B 57 4.16 12.73 -12.74
N PHE B 58 4.43 13.25 -13.94
CA PHE B 58 5.27 12.56 -14.93
C PHE B 58 6.72 12.98 -14.88
N SER B 59 7.62 11.99 -15.04
CA SER B 59 9.05 12.26 -15.18
C SER B 59 9.69 11.26 -16.12
N VAL B 60 10.30 11.74 -17.20
CA VAL B 60 11.03 10.89 -18.13
C VAL B 60 12.37 10.52 -17.50
N ARG B 61 12.73 9.24 -17.59
CA ARG B 61 13.92 8.77 -16.92
C ARG B 61 15.17 9.48 -17.44
N GLU B 62 16.06 9.83 -16.52
CA GLU B 62 17.33 10.52 -16.76
C GLU B 62 17.14 11.94 -17.30
N SER B 63 15.91 12.48 -17.30
CA SER B 63 15.73 13.83 -17.83
C SER B 63 16.05 14.92 -16.82
N GLY B 64 16.08 14.61 -15.52
CA GLY B 64 16.29 15.62 -14.49
C GLY B 64 15.12 16.54 -14.23
N LYS B 65 13.93 16.21 -14.73
CA LYS B 65 12.79 17.10 -14.65
C LYS B 65 11.51 16.27 -14.54
N PHE B 66 10.46 16.92 -14.04
CA PHE B 66 9.09 16.47 -14.25
C PHE B 66 8.58 17.15 -15.52
N GLN B 67 7.73 16.45 -16.27
CA GLN B 67 7.19 17.00 -17.52
C GLN B 67 5.76 17.49 -17.41
N GLY B 68 5.12 17.33 -16.26
CA GLY B 68 3.76 17.83 -16.08
C GLY B 68 2.99 16.89 -15.16
N PHE B 69 1.71 17.20 -14.98
CA PHE B 69 0.87 16.32 -14.18
C PHE B 69 -0.57 16.36 -14.68
N ALA B 70 -1.29 15.28 -14.41
CA ALA B 70 -2.60 15.08 -15.01
C ALA B 70 -3.50 14.37 -14.03
N ARG B 71 -4.80 14.44 -14.28
CA ARG B 71 -5.79 13.79 -13.44
C ARG B 71 -6.44 12.63 -14.20
N LEU B 72 -6.51 11.46 -13.58
CA LEU B 72 -7.25 10.35 -14.17
C LEU B 72 -8.71 10.72 -14.34
N SER B 73 -9.26 10.51 -15.54
CA SER B 73 -10.68 10.69 -15.76
C SER B 73 -11.42 9.38 -15.94
N SER B 74 -10.70 8.26 -15.96
CA SER B 74 -11.35 6.97 -16.12
C SER B 74 -10.47 5.89 -15.50
N GLU B 75 -11.12 4.77 -15.16
CA GLU B 75 -10.41 3.52 -14.93
C GLU B 75 -9.77 3.06 -16.25
N SER B 76 -8.80 2.17 -16.14
CA SER B 76 -8.18 1.64 -17.35
C SER B 76 -9.19 0.76 -18.10
N HIS B 77 -9.10 0.79 -19.42
CA HIS B 77 -10.06 0.12 -20.29
C HIS B 77 -9.30 -0.60 -21.39
N HIS B 78 -9.52 -1.91 -21.52
CA HIS B 78 -8.91 -2.71 -22.59
C HIS B 78 -9.83 -2.73 -23.81
N GLY B 79 -9.22 -2.87 -24.98
CA GLY B 79 -9.97 -3.11 -26.19
C GLY B 79 -10.27 -1.90 -27.05
N GLY B 80 -10.04 -0.69 -26.56
CA GLY B 80 -10.13 0.47 -27.41
C GLY B 80 -9.13 0.40 -28.55
N SER B 81 -9.31 1.28 -29.53
CA SER B 81 -8.38 1.35 -30.64
C SER B 81 -6.96 1.47 -30.11
N PRO B 82 -6.02 0.68 -30.61
CA PRO B 82 -4.70 0.60 -29.97
C PRO B 82 -4.01 1.95 -29.96
N ILE B 83 -3.58 2.39 -28.77
CA ILE B 83 -2.59 3.44 -28.71
C ILE B 83 -1.25 2.86 -29.13
N HIS B 84 -0.57 3.52 -30.05
CA HIS B 84 0.66 2.98 -30.60
C HIS B 84 1.85 3.58 -29.86
N TRP B 85 1.97 3.14 -28.60
CA TRP B 85 3.08 3.54 -27.75
C TRP B 85 4.40 3.15 -28.41
N VAL B 86 5.42 3.95 -28.19
CA VAL B 86 6.79 3.57 -28.53
C VAL B 86 7.28 2.63 -27.44
N LEU B 87 7.42 1.33 -27.76
CA LEU B 87 7.69 0.32 -26.75
C LEU B 87 9.18 0.21 -26.48
N PRO B 88 9.63 0.36 -25.24
CA PRO B 88 11.02 0.07 -24.92
C PRO B 88 11.31 -1.42 -24.94
N ALA B 89 12.60 -1.74 -25.00
CA ALA B 89 13.05 -3.13 -24.98
C ALA B 89 12.42 -3.88 -23.81
N GLY B 90 11.84 -5.05 -24.11
CA GLY B 90 11.22 -5.87 -23.09
C GLY B 90 9.75 -5.62 -22.84
N MET B 91 9.14 -4.63 -23.50
CA MET B 91 7.74 -4.31 -23.31
C MET B 91 6.95 -4.69 -24.56
N SER B 92 5.84 -5.39 -24.36
CA SER B 92 4.91 -5.71 -25.42
C SER B 92 3.68 -4.83 -25.29
N ALA B 93 2.98 -4.65 -26.42
CA ALA B 93 1.71 -3.93 -26.39
C ALA B 93 0.77 -4.51 -25.34
N LYS B 94 0.81 -5.83 -25.16
CA LYS B 94 -0.09 -6.50 -24.22
C LYS B 94 0.16 -6.07 -22.77
N MET B 95 1.42 -5.75 -22.43
CA MET B 95 1.72 -5.28 -21.08
C MET B 95 1.09 -3.92 -20.81
N LEU B 96 0.86 -3.13 -21.85
CA LEU B 96 0.22 -1.83 -21.75
C LEU B 96 -1.21 -1.84 -22.26
N GLY B 97 -1.90 -2.97 -22.14
CA GLY B 97 -3.20 -3.12 -22.76
C GLY B 97 -4.22 -2.12 -22.24
N GLY B 98 -4.21 -1.87 -20.93
CA GLY B 98 -5.18 -0.98 -20.32
C GLY B 98 -4.81 0.47 -20.58
N VAL B 99 -5.78 1.26 -21.03
CA VAL B 99 -5.57 2.67 -21.34
C VAL B 99 -6.41 3.49 -20.37
N PHE B 100 -5.74 4.39 -19.66
CA PHE B 100 -6.44 5.38 -18.84
C PHE B 100 -6.66 6.64 -19.65
N LYS B 101 -7.84 7.24 -19.52
CA LYS B 101 -8.05 8.61 -19.99
CA LYS B 101 -8.03 8.60 -19.99
C LYS B 101 -7.59 9.58 -18.91
N ILE B 102 -6.88 10.63 -19.31
CA ILE B 102 -6.33 11.62 -18.37
C ILE B 102 -6.57 13.02 -18.90
N ASP B 103 -6.81 13.95 -17.97
CA ASP B 103 -6.93 15.37 -18.27
C ASP B 103 -5.69 16.06 -17.71
N TRP B 104 -4.89 16.66 -18.60
CA TRP B 104 -3.68 17.34 -18.16
C TRP B 104 -4.05 18.61 -17.39
N ILE B 105 -3.33 18.83 -16.29
CA ILE B 105 -3.45 20.05 -15.51
C ILE B 105 -2.30 21.00 -15.79
N CYS B 106 -1.14 20.44 -16.10
CA CYS B 106 0.03 21.24 -16.43
C CYS B 106 0.90 20.39 -17.35
N ARG B 107 1.28 20.95 -18.50
CA ARG B 107 2.18 20.27 -19.44
C ARG B 107 3.55 20.92 -19.50
N ARG B 108 3.86 21.76 -18.53
CA ARG B 108 5.14 22.47 -18.49
C ARG B 108 6.08 21.75 -17.55
N GLU B 109 7.38 21.89 -17.83
CA GLU B 109 8.42 21.18 -17.11
C GLU B 109 8.69 21.82 -15.75
N LEU B 110 9.10 20.98 -14.80
CA LEU B 110 9.59 21.41 -13.50
C LEU B 110 10.92 20.71 -13.26
N PRO B 111 12.04 21.44 -13.25
CA PRO B 111 13.33 20.80 -12.97
C PRO B 111 13.41 20.28 -11.55
N PHE B 112 14.08 19.13 -11.38
CA PHE B 112 14.24 18.54 -10.05
C PHE B 112 14.85 19.51 -9.05
N THR B 113 15.52 20.57 -9.53
CA THR B 113 16.13 21.53 -8.62
C THR B 113 15.07 22.30 -7.84
N LYS B 114 13.94 22.63 -8.48
CA LYS B 114 12.91 23.42 -7.82
C LYS B 114 12.12 22.63 -6.79
N SER B 115 12.31 21.31 -6.72
CA SER B 115 11.58 20.47 -5.78
C SER B 115 12.48 19.79 -4.75
N ALA B 116 13.75 20.21 -4.68
CA ALA B 116 14.71 19.50 -3.83
C ALA B 116 14.39 19.61 -2.34
N HIS B 117 13.57 20.58 -1.95
CA HIS B 117 13.19 20.73 -0.55
C HIS B 117 12.05 19.80 -0.13
N LEU B 118 11.33 19.19 -1.07
CA LEU B 118 10.19 18.35 -0.75
C LEU B 118 10.61 16.88 -0.63
N THR B 119 10.18 16.24 0.45
CA THR B 119 10.45 14.83 0.70
C THR B 119 9.13 14.10 0.91
N ASN B 120 9.12 12.82 0.54
CA ASN B 120 7.91 12.00 0.54
C ASN B 120 7.94 11.07 1.74
N PRO B 121 7.12 11.29 2.76
CA PRO B 121 7.14 10.39 3.93
C PRO B 121 6.87 8.93 3.57
N TRP B 122 6.14 8.67 2.49
CA TRP B 122 5.80 7.32 2.10
C TRP B 122 6.87 6.67 1.22
N ASN B 123 8.01 7.33 1.02
CA ASN B 123 9.21 6.73 0.45
C ASN B 123 10.40 7.07 1.33
N GLU B 124 10.28 6.75 2.62
CA GLU B 124 11.36 6.90 3.60
C GLU B 124 11.92 8.33 3.64
N HIS B 125 11.03 9.31 3.46
CA HIS B 125 11.34 10.74 3.54
C HIS B 125 12.47 11.14 2.59
N LYS B 126 12.60 10.42 1.46
CA LYS B 126 13.51 10.75 0.38
C LYS B 126 12.95 11.88 -0.48
N PRO B 127 13.83 12.64 -1.14
CA PRO B 127 13.36 13.69 -2.07
C PRO B 127 12.34 13.13 -3.05
N VAL B 128 11.30 13.92 -3.33
CA VAL B 128 10.17 13.39 -4.06
C VAL B 128 10.55 13.02 -5.50
N LYS B 129 11.64 13.57 -6.03
CA LYS B 129 12.10 13.18 -7.36
C LYS B 129 12.47 11.71 -7.42
N ILE B 130 12.86 11.14 -6.27
CA ILE B 130 13.29 9.75 -6.20
C ILE B 130 12.08 8.85 -6.11
N GLY B 131 12.00 7.86 -6.97
CA GLY B 131 10.96 6.86 -6.89
C GLY B 131 10.84 6.12 -8.19
N ARG B 132 10.25 4.93 -8.10
CA ARG B 132 9.96 4.13 -9.26
C ARG B 132 8.60 4.48 -9.83
N ASP B 133 8.33 4.00 -11.05
CA ASP B 133 7.04 4.18 -11.67
C ASP B 133 5.94 3.66 -10.75
N GLY B 134 4.97 4.53 -10.44
CA GLY B 134 3.88 4.17 -9.56
C GLY B 134 4.06 4.51 -8.10
N GLN B 135 5.21 5.07 -7.71
CA GLN B 135 5.43 5.40 -6.30
C GLN B 135 4.37 6.39 -5.80
N GLU B 136 3.68 6.03 -4.72
CA GLU B 136 2.64 6.94 -4.25
C GLU B 136 3.26 8.05 -3.41
N ILE B 137 2.70 9.25 -3.51
CA ILE B 137 3.21 10.43 -2.82
C ILE B 137 2.18 10.87 -1.79
N GLU B 138 2.60 11.04 -0.53
CA GLU B 138 1.69 11.49 0.50
C GLU B 138 1.04 12.81 0.13
N LEU B 139 -0.20 13.01 0.63
CA LEU B 139 -1.06 14.13 0.23
C LEU B 139 -0.36 15.49 0.26
N GLU B 140 0.20 15.90 1.41
CA GLU B 140 0.73 17.26 1.44
C GLU B 140 1.96 17.41 0.55
N CYS B 141 2.80 16.37 0.47
CA CYS B 141 3.97 16.44 -0.39
C CYS B 141 3.55 16.55 -1.85
N GLY B 142 2.57 15.75 -2.26
CA GLY B 142 2.10 15.81 -3.64
C GLY B 142 1.44 17.13 -3.96
N THR B 143 0.65 17.66 -3.02
CA THR B 143 0.02 18.95 -3.22
C THR B 143 1.07 20.04 -3.42
N GLN B 144 2.08 20.07 -2.53
CA GLN B 144 3.12 21.08 -2.67
C GLN B 144 3.89 20.91 -3.99
N LEU B 145 4.18 19.67 -4.39
CA LEU B 145 4.87 19.43 -5.65
C LEU B 145 4.07 20.02 -6.82
N CYS B 146 2.77 19.72 -6.88
CA CYS B 146 1.95 20.24 -7.96
C CYS B 146 1.90 21.77 -7.95
N LEU B 147 1.90 22.39 -6.77
CA LEU B 147 1.85 23.85 -6.71
C LEU B 147 3.14 24.50 -7.21
N LEU B 148 4.25 23.76 -7.29
CA LEU B 148 5.50 24.30 -7.80
C LEU B 148 5.49 24.50 -9.31
N PHE B 149 4.66 23.77 -10.05
CA PHE B 149 4.67 23.89 -11.50
C PHE B 149 4.22 25.28 -11.95
N PRO B 150 4.77 25.79 -13.05
CA PRO B 150 4.32 27.08 -13.55
C PRO B 150 2.93 26.97 -14.13
N PRO B 151 2.16 28.06 -14.15
CA PRO B 151 0.82 28.01 -14.76
C PRO B 151 0.90 27.69 -16.25
N ASP B 152 -0.05 26.89 -16.72
CA ASP B 152 -0.06 26.46 -18.12
C ASP B 152 -1.24 27.12 -18.84
N GLU B 153 -0.93 28.07 -19.73
CA GLU B 153 -1.95 28.83 -20.45
C GLU B 153 -2.63 28.02 -21.53
N SER B 154 -2.12 26.84 -21.87
CA SER B 154 -2.79 26.00 -22.83
C SER B 154 -3.89 25.15 -22.21
N ILE B 155 -4.02 25.15 -20.89
CA ILE B 155 -4.92 24.26 -20.17
C ILE B 155 -6.07 25.08 -19.61
N ASP B 156 -7.28 24.54 -19.70
CA ASP B 156 -8.49 25.10 -19.13
C ASP B 156 -8.99 24.12 -18.06
N LEU B 157 -8.96 24.52 -16.79
CA LEU B 157 -9.39 23.59 -15.74
C LEU B 157 -10.90 23.34 -15.71
N TYR B 158 -11.67 24.04 -16.55
CA TYR B 158 -13.12 23.98 -16.48
C TYR B 158 -13.65 22.57 -16.68
N GLN B 159 -13.14 21.85 -17.69
CA GLN B 159 -13.63 20.51 -17.96
C GLN B 159 -13.34 19.57 -16.80
N VAL B 160 -12.19 19.75 -16.14
CA VAL B 160 -11.84 18.92 -14.98
C VAL B 160 -12.81 19.17 -13.83
N ILE B 161 -13.02 20.44 -13.51
CA ILE B 161 -13.84 20.77 -12.35
C ILE B 161 -15.26 20.21 -12.52
N HIS B 162 -15.75 20.13 -13.75
CA HIS B 162 -17.08 19.56 -13.97
C HIS B 162 -17.08 18.03 -13.90
N LYS B 163 -15.94 17.37 -14.08
CA LYS B 163 -15.86 15.93 -13.89
C LYS B 163 -15.83 15.53 -12.42
N MET B 164 -15.72 16.50 -11.51
CA MET B 164 -15.73 16.22 -10.08
C MET B 164 -17.09 16.52 -9.48
C15 JBD C . -5.91 -19.63 19.31
C17 JBD C . -4.11 -19.43 20.50
C22 JBD C . 0.70 -23.71 22.91
C24 JBD C . -2.49 -22.99 23.99
C02 JBD C . -4.77 -23.96 23.07
C03 JBD C . -4.56 -23.24 21.76
C04 JBD C . -3.32 -22.40 21.55
C05 JBD C . -3.11 -21.69 20.20
C07 JBD C . -5.24 -20.79 19.27
C09 JBD C . -7.05 -21.79 17.76
C12 JBD C . -7.24 -19.48 18.56
C14 JBD C . -9.16 -18.11 17.80
C18 JBD C . -2.29 -22.26 22.65
C25 JBD C . -3.75 -23.84 24.19
N06 JBD C . -4.12 -20.67 20.00
N08 JBD C . -5.79 -21.94 18.48
N11 JBD C . -7.76 -20.56 17.82
N13 JBD C . -7.96 -18.24 18.61
N16 JBD C . -5.21 -18.77 20.08
N19 JBD C . -1.09 -21.49 22.43
O21 JBD C . -0.23 -22.99 20.48
O23 JBD C . 1.37 -21.62 21.38
S20 JBD C . 0.19 -22.40 21.77
CL01 JBD C . -6.23 -24.94 23.31
CL10 JBD C . -7.69 -23.17 16.82
S SO4 D . 8.27 -11.97 24.97
O1 SO4 D . 7.88 -10.82 25.80
O2 SO4 D . 8.46 -13.13 25.84
O3 SO4 D . 7.19 -12.24 24.02
O4 SO4 D . 9.49 -11.69 24.24
S SO4 E . 3.80 1.60 -3.03
O1 SO4 E . 3.66 3.02 -3.40
O2 SO4 E . 3.72 1.41 -1.59
O3 SO4 E . 2.75 0.80 -3.65
O4 SO4 E . 5.12 1.10 -3.45
S SO4 F . -23.40 -15.05 13.18
O1 SO4 F . -23.13 -14.02 14.18
O2 SO4 F . -24.04 -16.19 13.84
O3 SO4 F . -24.29 -14.54 12.14
O4 SO4 F . -22.14 -15.48 12.57
S SO4 G . -15.47 -3.90 25.98
O1 SO4 G . -14.74 -2.66 25.66
O2 SO4 G . -16.33 -3.68 27.13
O3 SO4 G . -16.27 -4.30 24.82
O4 SO4 G . -14.51 -4.96 26.30
C15 JBD H . 5.74 3.25 -19.26
C17 JBD H . 6.13 2.56 -17.26
C22 JBD H . 11.88 0.81 -13.84
C24 JBD H . 9.91 -0.98 -16.04
C02 JBD H . 9.91 -0.89 -18.67
C03 JBD H . 9.41 0.54 -18.63
C04 JBD H . 9.15 1.21 -17.30
C05 JBD H . 8.65 2.66 -17.26
C07 JBD H . 7.09 3.23 -19.07
C09 JBD H . 7.48 4.11 -21.40
C12 JBD H . 5.16 3.71 -20.60
C14 JBD H . 3.13 4.19 -22.02
C18 JBD H . 9.41 0.45 -16.00
C25 JBD H . 10.17 -1.65 -17.38
N06 JBD H . 7.33 2.80 -17.85
N08 JBD H . 8.03 3.68 -20.13
N11 JBD H . 6.05 4.13 -21.63
N13 JBD H . 3.74 3.72 -20.78
N16 JBD H . 5.14 2.84 -18.13
N19 JBD H . 9.17 1.09 -14.72
O21 JBD H . 10.87 3.15 -14.66
O23 JBD H . 10.11 2.40 -12.64
S20 JBD H . 10.45 1.93 -13.99
CL01 JBD H . 10.21 -1.68 -20.24
CL10 JBD H . 8.63 4.61 -22.65
S SO4 I . 7.87 24.45 -20.89
O1 SO4 I . 7.68 25.29 -19.71
O2 SO4 I . 6.66 24.44 -21.69
O3 SO4 I . 8.13 23.08 -20.46
O4 SO4 I . 9.00 24.94 -21.67
S SO4 J . -12.41 -3.56 -18.91
O1 SO4 J . -12.31 -2.25 -18.26
O2 SO4 J . -13.79 -4.01 -18.81
O3 SO4 J . -12.02 -3.46 -20.32
O4 SO4 J . -11.53 -4.51 -18.23
S SO4 K . 14.16 9.95 -24.89
O1 SO4 K . 13.82 10.28 -23.50
O2 SO4 K . 12.94 9.54 -25.59
O3 SO4 K . 14.76 11.10 -25.55
O4 SO4 K . 15.11 8.83 -24.89
S SO4 L . 15.73 8.90 -12.97
O1 SO4 L . 14.44 9.51 -13.29
O2 SO4 L . 15.67 8.31 -11.64
O3 SO4 L . 16.77 9.93 -13.02
O4 SO4 L . 16.03 7.85 -13.95
#